data_6C64
#
_entry.id   6C64
#
_cell.length_a   37.098
_cell.length_b   181.764
_cell.length_c   108.289
_cell.angle_alpha   90.000
_cell.angle_beta   90.000
_cell.angle_gamma   90.000
#
_symmetry.space_group_name_H-M   'C 2 2 21'
#
loop_
_entity.id
_entity.type
_entity.pdbx_description
1 polymer 'RNA (36-MER)'
2 polymer 'RNA (32-MER)'
3 non-polymer 1-methyl-4-[(1E)-3-(3-methyl-1,3-benzothiazol-3-ium-2-yl)prop-1-en-1-yl]quinolin-1-ium
4 non-polymer 'POTASSIUM ION'
#
loop_
_entity_poly.entity_id
_entity_poly.type
_entity_poly.pdbx_seq_one_letter_code
_entity_poly.pdbx_strand_id
1 'polyribonucleotide' GCGUACGAAGGAGAGGAGAGGAAGAGGAGAGUACGC A,B
2 'polyribonucleotide' GUACGAAGGAGAGGAGAGGAAGAGGAGAGUAC D
#